data_7QYC
#
_entry.id   7QYC
#
_cell.length_a   107.374
_cell.length_b   107.374
_cell.length_c   107.374
_cell.angle_alpha   90.00
_cell.angle_beta   90.00
_cell.angle_gamma   90.00
#
_symmetry.space_group_name_H-M   'P 21 3'
#
loop_
_entity.id
_entity.type
_entity.pdbx_description
1 polymer 'Copper-containing nitrite reductase'
2 non-polymer 'SULFATE ION'
3 non-polymer 'COPPER (II) ION'
4 non-polymer GLYCEROL
5 water water
#
_entity_poly.entity_id   1
_entity_poly.type   'polypeptide(L)'
_entity_poly.pdbx_seq_one_letter_code
;MDDLKLPRQRVDLVAPPFVHVHEQATKQGPKIMEFKLVVQEKKMVIDEKGTTFQAMTFNGSMPGPLMVVHEGDYVEVTLV
NPATNTMPHNIDFHSATGALGGGALTLINPGEQVVLRWKATRTGVFVYHCAPGGPMIPWHVVSGMNGAVMVLPRDGLNDG
HGHSLRYDRIYYIGEQDLYVPRDEKGNFKSYDSPGEAYSDTEEVMRKLTPTHVVFNGKAGALTGKNALNANVGENVLIVH
SQANRDSRPHLIGGHGDYVWETGKFSNAPETGLETWFIRGGSAGAALYKFLQPGIYAYVTHNLIEAANLGATAHFKVEGK
WNDDLMTQVKAPADIPTGSTNENLYFQGGS
;
_entity_poly.pdbx_strand_id   A
#
loop_
_chem_comp.id
_chem_comp.type
_chem_comp.name
_chem_comp.formula
CU non-polymer 'COPPER (II) ION' 'Cu 2'
GOL non-polymer GLYCEROL 'C3 H8 O3'
SO4 non-polymer 'SULFATE ION' 'O4 S -2'
#
# COMPACT_ATOMS: atom_id res chain seq x y z
N ASP A 2 2.23 35.64 -3.10
CA ASP A 2 2.08 35.72 -4.58
C ASP A 2 1.18 34.56 -5.06
N ASP A 3 -0.10 34.85 -5.31
CA ASP A 3 -1.15 33.83 -5.56
C ASP A 3 -0.71 32.91 -6.71
N LEU A 4 -1.04 31.63 -6.59
CA LEU A 4 -0.72 30.64 -7.64
C LEU A 4 -1.95 30.51 -8.56
N LYS A 5 -1.80 30.92 -9.81
CA LYS A 5 -2.91 31.11 -10.78
C LYS A 5 -2.93 29.92 -11.77
N LEU A 6 -3.25 28.73 -11.27
CA LEU A 6 -3.40 27.52 -12.12
C LEU A 6 -4.82 27.00 -12.01
N PRO A 7 -5.25 26.19 -12.99
CA PRO A 7 -6.55 25.53 -12.89
C PRO A 7 -6.56 24.59 -11.68
N ARG A 8 -7.71 24.46 -11.06
CA ARG A 8 -7.94 23.58 -9.90
C ARG A 8 -8.76 22.39 -10.36
N GLN A 9 -8.45 21.21 -9.83
CA GLN A 9 -9.19 19.96 -10.12
C GLN A 9 -9.41 19.21 -8.82
N ARG A 10 -10.63 18.99 -8.41
CA ARG A 10 -10.96 18.22 -7.19
C ARG A 10 -10.96 16.73 -7.53
N VAL A 11 -10.28 15.93 -6.71
CA VAL A 11 -10.20 14.46 -6.90
C VAL A 11 -10.99 13.78 -5.82
N ASP A 12 -11.84 12.87 -6.23
CA ASP A 12 -12.55 11.98 -5.28
C ASP A 12 -11.72 10.67 -5.10
N LEU A 13 -11.23 10.51 -3.90
CA LEU A 13 -10.43 9.31 -3.55
C LEU A 13 -11.34 8.11 -3.46
N VAL A 14 -10.74 6.94 -3.74
CA VAL A 14 -11.47 5.67 -3.56
C VAL A 14 -10.66 4.75 -2.65
N ALA A 15 -11.34 3.82 -2.04
CA ALA A 15 -10.73 2.90 -1.07
C ALA A 15 -9.79 1.94 -1.80
N PRO A 16 -8.61 1.66 -1.20
CA PRO A 16 -7.72 0.64 -1.75
CA PRO A 16 -7.71 0.62 -1.69
C PRO A 16 -8.43 -0.71 -1.71
N PRO A 17 -8.03 -1.64 -2.59
CA PRO A 17 -6.83 -1.55 -3.43
C PRO A 17 -7.04 -0.88 -4.78
N PHE A 18 -8.24 -0.34 -4.97
CA PHE A 18 -8.60 0.40 -6.19
C PHE A 18 -7.98 1.79 -6.14
N VAL A 19 -8.04 2.48 -7.25
CA VAL A 19 -7.38 3.79 -7.44
C VAL A 19 -8.32 4.74 -8.17
N HIS A 20 -8.37 5.98 -7.73
CA HIS A 20 -9.21 6.99 -8.41
C HIS A 20 -8.83 7.09 -9.87
N VAL A 21 -9.82 7.54 -10.66
CA VAL A 21 -9.56 7.65 -12.12
CA VAL A 21 -9.68 7.79 -12.12
C VAL A 21 -8.53 8.75 -12.35
N HIS A 22 -7.70 8.51 -13.32
CA HIS A 22 -6.56 9.38 -13.69
C HIS A 22 -6.11 9.05 -15.09
N GLU A 23 -5.31 9.91 -15.66
CA GLU A 23 -4.67 9.72 -16.97
C GLU A 23 -3.24 9.27 -16.70
N GLN A 24 -2.70 8.38 -17.51
CA GLN A 24 -1.27 8.04 -17.46
C GLN A 24 -0.45 9.12 -18.11
N ALA A 25 -0.50 9.26 -19.42
CA ALA A 25 0.10 10.39 -20.15
C ALA A 25 -0.93 11.48 -20.27
N THR A 26 -0.45 12.73 -20.16
CA THR A 26 -1.32 13.90 -20.24
C THR A 26 -0.61 14.99 -21.02
N LYS A 27 -1.39 15.76 -21.75
CA LYS A 27 -0.89 17.01 -22.36
C LYS A 27 -1.48 18.21 -21.64
N GLN A 28 -2.24 18.00 -20.58
CA GLN A 28 -2.65 19.10 -19.69
C GLN A 28 -1.39 19.68 -19.06
N GLY A 29 -1.41 20.97 -18.84
CA GLY A 29 -0.36 21.60 -18.04
C GLY A 29 -0.59 21.34 -16.55
N PRO A 30 0.36 21.83 -15.75
CA PRO A 30 0.22 21.78 -14.31
C PRO A 30 -1.12 22.28 -13.78
N LYS A 31 -1.63 21.60 -12.78
CA LYS A 31 -2.87 21.94 -12.10
C LYS A 31 -2.67 21.91 -10.60
N ILE A 32 -3.53 22.56 -9.87
CA ILE A 32 -3.67 22.39 -8.41
C ILE A 32 -4.67 21.28 -8.19
N MET A 33 -4.20 20.11 -7.75
CA MET A 33 -5.01 18.91 -7.55
C MET A 33 -5.42 18.89 -6.10
N GLU A 34 -6.72 18.90 -5.85
CA GLU A 34 -7.28 19.07 -4.50
CA GLU A 34 -7.31 19.07 -4.51
C GLU A 34 -7.75 17.72 -3.97
N PHE A 35 -7.26 17.37 -2.80
CA PHE A 35 -7.60 16.13 -2.10
C PHE A 35 -8.04 16.44 -0.69
N LYS A 36 -8.91 15.60 -0.13
CA LYS A 36 -9.32 15.70 1.27
C LYS A 36 -9.07 14.36 1.93
N LEU A 37 -8.47 14.40 3.10
CA LEU A 37 -8.28 13.22 3.94
C LEU A 37 -8.88 13.50 5.30
N VAL A 38 -9.70 12.59 5.77
CA VAL A 38 -10.41 12.70 7.07
C VAL A 38 -9.87 11.63 8.00
N VAL A 39 -9.26 11.99 9.10
CA VAL A 39 -8.75 11.00 10.06
C VAL A 39 -9.91 10.29 10.68
N GLN A 40 -9.83 8.98 10.85
CA GLN A 40 -10.83 8.22 11.61
C GLN A 40 -10.12 7.26 12.53
N GLU A 41 -10.25 7.42 13.82
CA GLU A 41 -9.86 6.46 14.84
C GLU A 41 -11.02 5.46 14.99
N LYS A 42 -10.81 4.17 14.91
CA LYS A 42 -11.89 3.20 15.13
C LYS A 42 -11.32 1.82 15.36
N LYS A 43 -12.07 1.01 16.07
CA LYS A 43 -11.76 -0.43 16.23
CA LYS A 43 -11.78 -0.43 16.23
C LYS A 43 -11.99 -1.11 14.88
N MET A 44 -11.05 -1.98 14.50
CA MET A 44 -11.18 -2.74 13.24
C MET A 44 -10.83 -4.21 13.48
N VAL A 45 -11.38 -5.06 12.68
CA VAL A 45 -11.05 -6.51 12.68
C VAL A 45 -9.83 -6.72 11.77
N ILE A 46 -8.84 -7.45 12.25
CA ILE A 46 -7.55 -7.60 11.52
C ILE A 46 -7.20 -9.01 11.17
N ASP A 47 -7.93 -10.05 11.62
CA ASP A 47 -7.57 -11.42 11.21
C ASP A 47 -8.79 -12.30 11.10
N GLU A 48 -8.62 -13.51 10.62
CA GLU A 48 -9.73 -14.41 10.32
C GLU A 48 -10.34 -14.98 11.59
N LYS A 49 -9.72 -14.91 12.74
CA LYS A 49 -10.31 -15.32 14.03
C LYS A 49 -11.08 -14.18 14.67
N GLY A 50 -11.13 -13.01 14.04
CA GLY A 50 -11.89 -11.88 14.56
C GLY A 50 -11.19 -10.99 15.52
N THR A 51 -9.86 -11.09 15.63
CA THR A 51 -9.12 -10.20 16.53
C THR A 51 -9.43 -8.75 16.16
N THR A 52 -9.70 -7.93 17.16
CA THR A 52 -9.91 -6.49 16.95
C THR A 52 -8.67 -5.74 17.39
N PHE A 53 -8.65 -4.51 16.93
CA PHE A 53 -7.50 -3.66 17.02
CA PHE A 53 -7.48 -3.65 16.91
C PHE A 53 -7.95 -2.21 17.06
N GLN A 54 -7.33 -1.41 17.91
CA GLN A 54 -7.61 0.04 17.94
C GLN A 54 -6.83 0.78 16.85
N ALA A 55 -7.46 0.96 15.72
CA ALA A 55 -6.80 1.49 14.51
C ALA A 55 -6.93 3.01 14.47
N MET A 56 -6.05 3.63 13.72
CA MET A 56 -6.13 5.06 13.39
CA MET A 56 -6.07 5.07 13.37
C MET A 56 -5.85 5.15 11.89
N THR A 57 -6.68 5.82 11.12
CA THR A 57 -6.70 5.74 9.67
C THR A 57 -6.84 7.12 9.03
N PHE A 58 -6.38 7.22 7.80
CA PHE A 58 -6.80 8.27 6.87
C PHE A 58 -7.95 7.73 6.04
N ASN A 59 -9.12 8.38 6.10
CA ASN A 59 -10.28 8.02 5.24
C ASN A 59 -10.89 6.67 5.61
N GLY A 60 -10.61 6.15 6.78
CA GLY A 60 -11.27 4.94 7.26
C GLY A 60 -10.66 3.65 6.78
N SER A 61 -9.58 3.67 6.02
CA SER A 61 -9.00 2.45 5.46
C SER A 61 -7.56 2.30 5.91
N MET A 62 -7.09 1.06 5.95
CA MET A 62 -5.64 0.74 5.98
CA MET A 62 -5.64 0.72 6.00
CA MET A 62 -5.63 0.70 6.00
C MET A 62 -5.35 -0.02 4.70
N PRO A 63 -4.47 0.46 3.83
CA PRO A 63 -3.79 1.75 3.89
C PRO A 63 -4.77 2.90 3.62
N GLY A 64 -4.30 4.11 3.82
CA GLY A 64 -5.00 5.25 3.27
C GLY A 64 -5.04 5.18 1.76
N PRO A 65 -5.90 5.95 1.09
CA PRO A 65 -6.05 5.84 -0.35
C PRO A 65 -4.82 6.30 -1.11
N LEU A 66 -4.67 5.75 -2.30
CA LEU A 66 -3.62 6.19 -3.24
C LEU A 66 -4.06 7.51 -3.90
N MET A 67 -3.20 8.52 -3.84
CA MET A 67 -3.37 9.78 -4.57
CA MET A 67 -3.35 9.81 -4.57
C MET A 67 -2.54 9.74 -5.84
N VAL A 68 -3.05 10.15 -6.99
CA VAL A 68 -2.28 10.11 -8.26
C VAL A 68 -2.26 11.49 -8.87
N VAL A 69 -1.09 12.06 -9.11
CA VAL A 69 -0.87 13.36 -9.81
C VAL A 69 0.23 13.19 -10.83
N HIS A 70 0.56 14.26 -11.54
CA HIS A 70 1.66 14.30 -12.48
C HIS A 70 2.74 15.30 -12.03
N GLU A 71 3.93 15.00 -12.49
CA GLU A 71 5.12 15.84 -12.26
C GLU A 71 4.76 17.30 -12.54
N GLY A 72 5.05 18.20 -11.62
CA GLY A 72 4.77 19.63 -11.84
C GLY A 72 3.44 20.07 -11.30
N ASP A 73 2.51 19.16 -11.04
CA ASP A 73 1.27 19.53 -10.36
C ASP A 73 1.58 20.07 -8.98
N TYR A 74 0.65 20.81 -8.43
CA TYR A 74 0.62 21.19 -7.00
CA TYR A 74 0.61 21.17 -7.01
C TYR A 74 -0.52 20.49 -6.27
C TYR A 74 -0.44 20.26 -6.40
N VAL A 75 -0.21 19.86 -5.14
CA VAL A 75 -1.15 18.98 -4.45
C VAL A 75 -1.61 19.75 -3.24
N GLU A 76 -2.89 20.09 -3.19
CA GLU A 76 -3.48 20.83 -2.09
C GLU A 76 -4.34 19.90 -1.28
N VAL A 77 -3.89 19.55 -0.10
CA VAL A 77 -4.54 18.55 0.77
C VAL A 77 -5.20 19.25 1.93
N THR A 78 -6.50 19.00 2.10
CA THR A 78 -7.24 19.39 3.29
C THR A 78 -7.21 18.19 4.23
N LEU A 79 -6.57 18.29 5.37
CA LEU A 79 -6.54 17.23 6.38
C LEU A 79 -7.54 17.61 7.48
N VAL A 80 -8.45 16.72 7.81
CA VAL A 80 -9.56 16.97 8.76
C VAL A 80 -9.42 16.05 9.92
N ASN A 81 -9.52 16.51 11.15
CA ASN A 81 -9.45 15.68 12.36
C ASN A 81 -10.75 15.89 13.13
N PRO A 82 -11.82 15.14 12.81
CA PRO A 82 -13.10 15.38 13.47
C PRO A 82 -13.01 15.27 14.99
N ALA A 83 -13.94 15.96 15.69
CA ALA A 83 -13.94 16.07 17.14
C ALA A 83 -14.33 14.79 17.85
N THR A 84 -14.80 13.76 17.08
CA THR A 84 -15.00 12.42 17.66
C THR A 84 -13.66 11.70 17.89
N ASN A 85 -12.57 12.14 17.25
CA ASN A 85 -11.25 11.55 17.52
C ASN A 85 -10.70 12.10 18.84
N THR A 86 -9.72 11.41 19.38
CA THR A 86 -9.17 11.64 20.74
C THR A 86 -7.77 12.26 20.70
N MET A 87 -7.07 12.20 19.56
CA MET A 87 -5.60 12.45 19.44
CA MET A 87 -5.64 12.58 19.55
CA MET A 87 -5.65 12.59 19.53
C MET A 87 -5.40 13.58 18.44
N PRO A 88 -4.31 14.37 18.56
CA PRO A 88 -3.84 15.14 17.44
C PRO A 88 -3.21 14.25 16.34
N HIS A 89 -3.29 14.73 15.12
CA HIS A 89 -2.76 14.02 13.92
C HIS A 89 -2.11 15.04 13.01
N ASN A 90 -1.35 14.60 12.04
CA ASN A 90 -0.79 15.46 10.99
C ASN A 90 -0.51 14.59 9.76
N ILE A 91 0.24 15.11 8.81
CA ILE A 91 0.59 14.29 7.62
C ILE A 91 1.95 14.72 7.08
N ASP A 92 2.78 13.75 6.75
CA ASP A 92 4.17 13.83 6.20
C ASP A 92 4.06 13.14 4.83
N PHE A 93 4.32 13.83 3.76
CA PHE A 93 4.42 13.29 2.40
C PHE A 93 5.89 13.12 2.05
N HIS A 94 6.31 11.89 1.79
CA HIS A 94 7.69 11.65 1.34
C HIS A 94 7.93 12.22 -0.06
N SER A 95 6.88 12.55 -0.82
CA SER A 95 6.97 13.18 -2.13
C SER A 95 7.29 14.69 -2.02
N ALA A 96 7.15 15.28 -0.85
CA ALA A 96 7.16 16.75 -0.68
C ALA A 96 8.50 17.20 -0.13
N THR A 97 8.82 18.48 -0.33
CA THR A 97 10.07 19.11 0.11
C THR A 97 9.82 20.14 1.19
N GLY A 98 10.35 19.96 2.35
CA GLY A 98 10.31 20.92 3.47
C GLY A 98 9.43 20.50 4.65
N ALA A 99 9.65 21.14 5.79
CA ALA A 99 8.77 21.08 6.95
C ALA A 99 8.43 19.63 7.30
N LEU A 100 9.45 18.77 7.33
CA LEU A 100 9.28 17.34 7.70
C LEU A 100 8.23 16.72 6.78
N GLY A 101 8.20 17.05 5.52
CA GLY A 101 7.24 16.49 4.56
C GLY A 101 5.85 17.06 4.64
N GLY A 102 5.72 18.13 5.43
CA GLY A 102 4.41 18.72 5.74
C GLY A 102 4.01 18.49 7.15
N GLY A 103 4.62 17.59 7.90
CA GLY A 103 4.17 17.32 9.26
C GLY A 103 4.28 18.53 10.14
N ALA A 104 5.28 19.38 9.92
CA ALA A 104 5.49 20.56 10.78
C ALA A 104 4.51 21.66 10.44
N LEU A 105 3.65 21.50 9.46
CA LEU A 105 2.63 22.51 9.08
C LEU A 105 1.21 21.96 9.20
N THR A 106 1.00 20.73 9.68
CA THR A 106 -0.32 20.10 9.59
C THR A 106 -0.79 19.54 10.92
N LEU A 107 -0.21 19.81 12.07
CA LEU A 107 -0.66 19.26 13.35
C LEU A 107 -1.99 19.87 13.76
N ILE A 108 -3.01 19.06 13.85
CA ILE A 108 -4.42 19.48 14.13
C ILE A 108 -4.98 18.68 15.30
N ASN A 109 -5.63 19.38 16.21
CA ASN A 109 -6.40 18.75 17.29
C ASN A 109 -7.75 18.26 16.77
N PRO A 110 -8.40 17.37 17.54
CA PRO A 110 -9.77 16.99 17.21
C PRO A 110 -10.63 18.27 17.12
N GLY A 111 -11.42 18.38 16.10
CA GLY A 111 -12.27 19.55 15.81
C GLY A 111 -11.62 20.52 14.86
N GLU A 112 -10.38 20.26 14.36
CA GLU A 112 -9.68 21.16 13.46
C GLU A 112 -9.39 20.55 12.09
N GLN A 113 -9.12 21.38 11.11
CA GLN A 113 -8.63 21.03 9.79
C GLN A 113 -7.53 21.99 9.38
N VAL A 114 -6.77 21.61 8.37
CA VAL A 114 -5.60 22.36 7.88
C VAL A 114 -5.47 22.14 6.39
N VAL A 115 -4.92 23.08 5.65
CA VAL A 115 -4.75 22.95 4.19
C VAL A 115 -3.27 23.14 3.90
N LEU A 116 -2.64 22.12 3.32
CA LEU A 116 -1.22 22.09 2.90
C LEU A 116 -1.13 22.02 1.41
N ARG A 117 -0.24 22.75 0.77
CA ARG A 117 0.04 22.59 -0.65
C ARG A 117 1.50 22.20 -0.83
N TRP A 118 1.78 21.20 -1.64
CA TRP A 118 3.17 20.84 -1.95
C TRP A 118 3.29 20.64 -3.44
N LYS A 119 4.40 21.02 -4.03
CA LYS A 119 4.69 20.86 -5.45
C LYS A 119 5.26 19.44 -5.70
N ALA A 120 4.72 18.77 -6.71
CA ALA A 120 5.10 17.37 -7.06
C ALA A 120 6.29 17.44 -7.99
N THR A 121 7.46 17.71 -7.42
CA THR A 121 8.71 17.88 -8.18
C THR A 121 9.45 16.56 -8.40
N ARG A 122 9.07 15.48 -7.74
CA ARG A 122 9.81 14.19 -7.76
C ARG A 122 8.86 13.08 -8.26
N THR A 123 9.23 12.36 -9.29
CA THR A 123 8.37 11.28 -9.84
C THR A 123 8.57 9.99 -9.06
N GLY A 124 7.54 9.16 -9.02
CA GLY A 124 7.60 7.90 -8.31
C GLY A 124 6.37 7.63 -7.53
N VAL A 125 6.39 6.53 -6.79
CA VAL A 125 5.42 6.26 -5.73
C VAL A 125 6.09 6.55 -4.40
N PHE A 126 5.36 7.12 -3.47
CA PHE A 126 5.92 7.61 -2.19
C PHE A 126 4.96 7.29 -1.08
N VAL A 127 5.47 7.05 0.10
CA VAL A 127 4.65 6.93 1.32
C VAL A 127 4.18 8.30 1.80
N TYR A 128 2.98 8.34 2.33
CA TYR A 128 2.57 9.43 3.26
C TYR A 128 2.18 8.83 4.57
N HIS A 129 2.36 9.54 5.68
CA HIS A 129 1.99 8.99 7.00
C HIS A 129 1.81 10.08 8.03
N CYS A 130 1.14 9.77 9.11
CA CYS A 130 1.02 10.67 10.27
C CYS A 130 2.36 10.65 11.00
N ALA A 131 2.72 11.72 11.68
CA ALA A 131 3.98 11.78 12.44
C ALA A 131 3.91 12.88 13.47
N PRO A 132 3.08 12.70 14.52
N PRO A 132 3.11 12.71 14.55
CA PRO A 132 2.80 13.82 15.44
CA PRO A 132 2.81 13.85 15.42
C PRO A 132 4.01 14.34 16.21
C PRO A 132 3.74 13.93 16.63
N GLY A 133 4.99 13.50 16.45
CA GLY A 133 6.17 13.83 17.26
C GLY A 133 6.58 12.72 18.21
N GLY A 134 7.88 12.51 18.32
CA GLY A 134 8.43 11.59 19.33
C GLY A 134 7.86 10.18 19.18
N PRO A 135 7.58 9.50 20.30
CA PRO A 135 7.11 8.11 20.24
CA PRO A 135 7.12 8.11 20.25
C PRO A 135 5.75 8.01 19.57
N MET A 136 5.03 9.12 19.42
CA MET A 136 3.75 9.06 18.71
C MET A 136 3.99 8.73 17.23
N ILE A 137 5.14 9.05 16.68
CA ILE A 137 5.37 8.79 15.23
C ILE A 137 5.19 7.32 14.91
N PRO A 138 5.98 6.38 15.50
CA PRO A 138 5.79 4.99 15.12
C PRO A 138 4.41 4.50 15.50
N TRP A 139 3.91 4.91 16.66
CA TRP A 139 2.59 4.40 17.11
C TRP A 139 1.50 4.76 16.11
N HIS A 140 1.43 6.00 15.68
CA HIS A 140 0.36 6.37 14.70
C HIS A 140 0.55 5.58 13.41
N VAL A 141 1.80 5.41 12.95
CA VAL A 141 2.03 4.71 11.67
C VAL A 141 1.61 3.25 11.81
N VAL A 142 2.07 2.56 12.84
CA VAL A 142 1.73 1.13 12.96
C VAL A 142 0.31 0.90 13.43
N SER A 143 -0.41 1.96 13.80
CA SER A 143 -1.86 1.88 14.08
C SER A 143 -2.66 2.06 12.78
N GLY A 144 -2.03 2.33 11.65
CA GLY A 144 -2.68 2.36 10.34
C GLY A 144 -2.58 3.66 9.61
N MET A 145 -1.90 4.69 10.14
CA MET A 145 -1.96 6.04 9.54
C MET A 145 -0.87 6.20 8.48
N ASN A 146 -1.05 5.51 7.37
CA ASN A 146 -0.12 5.59 6.25
C ASN A 146 -0.82 5.20 4.95
N GLY A 147 -0.38 5.77 3.85
CA GLY A 147 -0.85 5.48 2.50
C GLY A 147 0.24 5.79 1.52
N ALA A 148 -0.13 6.13 0.30
CA ALA A 148 0.89 6.41 -0.72
C ALA A 148 0.36 7.41 -1.73
N VAL A 149 1.28 8.04 -2.44
CA VAL A 149 0.96 8.95 -3.56
CA VAL A 149 0.99 9.00 -3.55
C VAL A 149 1.81 8.57 -4.73
N MET A 150 1.27 8.60 -5.91
CA MET A 150 2.03 8.35 -7.13
C MET A 150 2.12 9.63 -7.95
N VAL A 151 3.32 10.03 -8.31
CA VAL A 151 3.64 11.21 -9.16
C VAL A 151 4.13 10.64 -10.46
N LEU A 152 3.25 10.63 -11.46
CA LEU A 152 3.59 10.12 -12.79
C LEU A 152 4.35 11.15 -13.59
N PRO A 153 5.28 10.73 -14.46
CA PRO A 153 5.77 11.63 -15.49
C PRO A 153 4.59 12.06 -16.37
N ARG A 154 4.66 13.28 -16.93
CA ARG A 154 3.55 13.74 -17.80
C ARG A 154 3.41 12.86 -19.03
N ASP A 155 4.48 12.23 -19.48
CA ASP A 155 4.41 11.30 -20.64
C ASP A 155 4.04 9.87 -20.20
N GLY A 156 3.71 9.64 -18.93
CA GLY A 156 3.45 8.28 -18.44
C GLY A 156 4.74 7.52 -18.14
N LEU A 157 4.60 6.25 -17.84
CA LEU A 157 5.80 5.44 -17.52
C LEU A 157 6.60 5.11 -18.75
N ASN A 158 7.88 4.81 -18.57
CA ASN A 158 8.74 4.28 -19.64
C ASN A 158 9.70 3.25 -19.10
N ASP A 159 10.37 2.51 -19.97
CA ASP A 159 11.27 1.41 -19.57
C ASP A 159 12.69 1.89 -19.30
N GLY A 160 12.95 3.20 -19.35
CA GLY A 160 14.30 3.73 -19.14
C GLY A 160 15.17 3.63 -20.38
N HIS A 161 14.65 3.07 -21.46
CA HIS A 161 15.35 2.90 -22.77
C HIS A 161 14.50 3.51 -23.90
N GLY A 162 13.69 4.49 -23.58
CA GLY A 162 12.93 5.32 -24.52
C GLY A 162 11.70 4.59 -25.07
N HIS A 163 11.21 3.55 -24.41
CA HIS A 163 9.93 2.90 -24.80
C HIS A 163 8.84 3.17 -23.77
N SER A 164 7.69 3.64 -24.19
CA SER A 164 6.50 3.85 -23.34
CA SER A 164 6.55 3.86 -23.28
C SER A 164 6.03 2.54 -22.72
N LEU A 165 5.63 2.56 -21.44
CA LEU A 165 4.93 1.44 -20.79
C LEU A 165 3.56 1.94 -20.36
N ARG A 166 2.51 1.21 -20.57
CA ARG A 166 1.14 1.59 -20.21
CA ARG A 166 1.13 1.60 -20.21
C ARG A 166 0.52 0.43 -19.47
N TYR A 167 -0.12 0.68 -18.36
CA TYR A 167 -0.87 -0.36 -17.64
C TYR A 167 -2.33 -0.36 -18.07
N ASP A 168 -2.91 -1.52 -18.06
CA ASP A 168 -4.34 -1.77 -18.32
CA ASP A 168 -4.35 -1.67 -18.32
C ASP A 168 -5.13 -1.63 -17.01
N ARG A 169 -4.48 -1.90 -15.89
CA ARG A 169 -5.11 -1.96 -14.58
C ARG A 169 -4.03 -1.56 -13.57
N ILE A 170 -4.47 -1.02 -12.46
CA ILE A 170 -3.60 -0.62 -11.33
C ILE A 170 -4.23 -1.08 -10.04
N TYR A 171 -3.42 -1.65 -9.14
CA TYR A 171 -3.83 -1.94 -7.78
C TYR A 171 -2.81 -1.36 -6.81
N TYR A 172 -3.30 -0.92 -5.67
CA TYR A 172 -2.45 -0.42 -4.56
C TYR A 172 -2.58 -1.38 -3.40
N ILE A 173 -1.47 -2.07 -3.09
CA ILE A 173 -1.29 -2.99 -1.95
CA ILE A 173 -1.36 -3.00 -1.95
C ILE A 173 -0.55 -2.29 -0.84
N GLY A 174 -1.24 -1.86 0.19
CA GLY A 174 -0.56 -1.35 1.38
C GLY A 174 -0.34 -2.44 2.36
N GLU A 175 0.90 -2.67 2.78
CA GLU A 175 1.24 -3.69 3.78
C GLU A 175 1.39 -3.04 5.13
N GLN A 176 0.81 -3.65 6.16
CA GLN A 176 0.79 -3.09 7.51
C GLN A 176 1.33 -4.13 8.46
N ASP A 177 2.38 -3.76 9.21
CA ASP A 177 2.84 -4.50 10.38
C ASP A 177 2.07 -4.04 11.60
N LEU A 178 1.52 -4.97 12.35
CA LEU A 178 0.71 -4.66 13.54
C LEU A 178 1.33 -5.31 14.76
N TYR A 179 1.11 -4.72 15.94
CA TYR A 179 1.76 -5.12 17.19
C TYR A 179 0.67 -5.29 18.23
N VAL A 180 0.02 -6.42 18.34
CA VAL A 180 -1.15 -6.56 19.21
C VAL A 180 -0.70 -7.24 20.49
N PRO A 181 -0.94 -6.63 21.67
CA PRO A 181 -0.62 -7.27 22.93
C PRO A 181 -1.35 -8.58 23.17
N ARG A 182 -0.70 -9.47 23.92
CA ARG A 182 -1.30 -10.73 24.39
CA ARG A 182 -1.24 -10.75 24.38
C ARG A 182 -1.31 -10.78 25.91
N ASP A 183 -2.28 -11.52 26.40
CA ASP A 183 -2.39 -11.76 27.87
C ASP A 183 -1.47 -12.93 28.23
N GLU A 184 -1.49 -13.29 29.52
CA GLU A 184 -0.54 -14.30 30.04
C GLU A 184 -0.78 -15.64 29.31
N LYS A 185 -2.01 -15.97 28.95
CA LYS A 185 -2.34 -17.25 28.24
C LYS A 185 -2.06 -17.18 26.73
N GLY A 186 -1.60 -16.03 26.19
CA GLY A 186 -1.20 -15.91 24.77
C GLY A 186 -2.32 -15.37 23.89
N ASN A 187 -3.48 -15.04 24.43
CA ASN A 187 -4.64 -14.57 23.65
C ASN A 187 -4.45 -13.08 23.38
N PHE A 188 -4.90 -12.60 22.22
CA PHE A 188 -4.82 -11.16 21.94
C PHE A 188 -5.74 -10.36 22.85
N LYS A 189 -5.27 -9.25 23.37
CA LYS A 189 -6.03 -8.37 24.28
C LYS A 189 -6.84 -7.38 23.46
N SER A 190 -8.02 -7.05 23.98
CA SER A 190 -8.91 -6.00 23.43
C SER A 190 -8.88 -4.78 24.33
N TYR A 191 -9.06 -3.59 23.76
CA TYR A 191 -9.07 -2.31 24.49
C TYR A 191 -10.28 -1.46 24.05
N ASP A 192 -10.66 -0.48 24.88
CA ASP A 192 -11.85 0.36 24.58
C ASP A 192 -11.45 1.65 23.87
N SER A 193 -10.14 1.96 23.76
CA SER A 193 -9.65 3.17 23.10
C SER A 193 -8.19 2.98 22.69
N PRO A 194 -7.72 3.78 21.74
CA PRO A 194 -6.30 3.74 21.35
C PRO A 194 -5.41 4.11 22.54
N GLY A 195 -5.79 5.12 23.33
CA GLY A 195 -4.96 5.50 24.47
C GLY A 195 -4.83 4.39 25.45
N GLU A 196 -5.89 3.62 25.70
CA GLU A 196 -5.81 2.52 26.67
C GLU A 196 -4.89 1.39 26.16
N ALA A 197 -4.79 1.24 24.83
CA ALA A 197 -3.96 0.19 24.20
C ALA A 197 -2.49 0.60 24.19
N TYR A 198 -2.16 1.87 24.35
CA TYR A 198 -0.82 2.38 24.01
C TYR A 198 0.28 1.70 24.81
N SER A 199 0.22 1.66 26.12
CA SER A 199 1.38 1.22 26.93
C SER A 199 1.70 -0.23 26.58
N ASP A 200 0.73 -1.11 26.55
CA ASP A 200 0.94 -2.52 26.21
C ASP A 200 1.42 -2.66 24.76
N THR A 201 0.92 -1.84 23.85
CA THR A 201 1.30 -1.91 22.42
C THR A 201 2.78 -1.51 22.29
N GLU A 202 3.19 -0.44 22.94
CA GLU A 202 4.58 0.04 22.85
C GLU A 202 5.52 -1.08 23.29
N GLU A 203 5.18 -1.88 24.29
CA GLU A 203 6.03 -2.98 24.75
C GLU A 203 6.23 -3.99 23.60
N VAL A 204 5.17 -4.29 22.86
CA VAL A 204 5.28 -5.23 21.72
C VAL A 204 6.12 -4.59 20.62
N MET A 205 5.87 -3.32 20.34
CA MET A 205 6.62 -2.61 19.31
C MET A 205 8.12 -2.64 19.60
N ARG A 206 8.52 -2.47 20.83
CA ARG A 206 9.95 -2.38 21.18
C ARG A 206 10.67 -3.66 20.82
N LYS A 207 10.01 -4.81 20.79
CA LYS A 207 10.69 -6.08 20.42
C LYS A 207 10.72 -6.32 18.91
N LEU A 208 10.16 -5.41 18.13
CA LEU A 208 10.32 -5.25 16.66
C LEU A 208 9.80 -6.49 15.90
C LEU A 208 9.61 -6.32 15.85
N THR A 209 8.95 -7.29 16.48
CA THR A 209 8.37 -8.48 15.84
C THR A 209 6.87 -8.24 15.75
N PRO A 210 6.30 -8.07 14.56
CA PRO A 210 4.86 -7.92 14.44
C PRO A 210 4.13 -9.20 14.81
N THR A 211 2.89 -9.02 15.29
CA THR A 211 1.96 -10.14 15.48
C THR A 211 1.17 -10.43 14.22
N HIS A 212 1.02 -9.46 13.36
CA HIS A 212 0.22 -9.58 12.12
C HIS A 212 0.96 -8.76 11.06
N VAL A 213 0.93 -9.23 9.82
CA VAL A 213 1.43 -8.51 8.66
C VAL A 213 0.35 -8.70 7.58
N VAL A 214 -0.32 -7.61 7.23
CA VAL A 214 -1.58 -7.73 6.45
C VAL A 214 -1.56 -6.82 5.26
N PHE A 215 -2.29 -7.15 4.23
CA PHE A 215 -2.52 -6.29 3.07
C PHE A 215 -3.94 -5.76 3.15
N ASN A 216 -4.14 -4.50 2.86
CA ASN A 216 -5.49 -3.88 2.87
C ASN A 216 -6.12 -4.06 4.25
N GLY A 217 -5.34 -4.06 5.32
CA GLY A 217 -5.85 -3.90 6.68
C GLY A 217 -6.22 -5.16 7.40
N LYS A 218 -6.24 -6.32 6.79
CA LYS A 218 -6.79 -7.54 7.45
CA LYS A 218 -6.63 -7.53 7.55
CA LYS A 218 -6.64 -7.53 7.54
C LYS A 218 -6.20 -8.78 6.80
N ALA A 219 -5.96 -9.83 7.58
CA ALA A 219 -5.65 -11.14 6.95
C ALA A 219 -6.83 -11.53 6.07
N GLY A 220 -6.60 -11.99 4.86
CA GLY A 220 -7.65 -12.42 3.93
C GLY A 220 -8.36 -11.29 3.26
N ALA A 221 -7.96 -10.03 3.44
CA ALA A 221 -8.68 -8.92 2.82
C ALA A 221 -8.79 -9.07 1.31
N LEU A 222 -7.77 -9.55 0.66
CA LEU A 222 -7.67 -9.62 -0.82
C LEU A 222 -7.69 -11.07 -1.30
N THR A 223 -8.31 -11.94 -0.56
CA THR A 223 -8.56 -13.35 -0.98
C THR A 223 -10.09 -13.54 -1.03
N GLY A 224 -10.47 -14.70 -1.53
CA GLY A 224 -11.88 -15.10 -1.67
CA GLY A 224 -11.88 -15.10 -1.67
C GLY A 224 -12.62 -14.18 -2.59
N LYS A 225 -13.77 -13.70 -2.14
CA LYS A 225 -14.59 -12.86 -3.01
C LYS A 225 -13.86 -11.55 -3.34
N ASN A 226 -12.82 -11.14 -2.56
CA ASN A 226 -12.16 -9.85 -2.79
C ASN A 226 -10.79 -10.06 -3.43
N ALA A 227 -10.61 -11.18 -4.06
CA ALA A 227 -9.45 -11.42 -4.93
C ALA A 227 -9.37 -10.32 -5.97
N LEU A 228 -8.19 -9.97 -6.45
CA LEU A 228 -7.93 -8.98 -7.49
C LEU A 228 -8.09 -9.58 -8.92
C LEU A 228 -8.27 -9.69 -8.80
N ASN A 229 -8.94 -8.96 -9.72
CA ASN A 229 -9.23 -9.53 -11.06
C ASN A 229 -8.24 -9.06 -12.10
N ALA A 230 -7.94 -9.93 -13.04
CA ALA A 230 -7.19 -9.55 -14.25
C ALA A 230 -7.55 -10.53 -15.36
N ASN A 231 -6.98 -10.25 -16.52
CA ASN A 231 -7.17 -11.10 -17.72
C ASN A 231 -5.82 -11.37 -18.36
N VAL A 232 -5.67 -12.53 -19.00
CA VAL A 232 -4.50 -12.83 -19.81
C VAL A 232 -4.27 -11.71 -20.81
N GLY A 233 -3.07 -11.20 -20.91
CA GLY A 233 -2.67 -10.11 -21.82
C GLY A 233 -2.67 -8.74 -21.18
N GLU A 234 -3.32 -8.57 -20.04
CA GLU A 234 -3.33 -7.25 -19.35
C GLU A 234 -1.99 -7.00 -18.68
N ASN A 235 -1.54 -5.76 -18.82
CA ASN A 235 -0.37 -5.22 -18.09
CA ASN A 235 -0.36 -5.19 -18.11
C ASN A 235 -0.89 -4.59 -16.82
N VAL A 236 -0.53 -5.14 -15.69
CA VAL A 236 -1.04 -4.70 -14.39
C VAL A 236 0.05 -4.03 -13.59
N LEU A 237 -0.19 -2.82 -13.12
CA LEU A 237 0.74 -2.13 -12.19
C LEU A 237 0.33 -2.45 -10.78
N ILE A 238 1.26 -2.96 -9.98
CA ILE A 238 1.05 -3.26 -8.56
C ILE A 238 1.93 -2.32 -7.76
N VAL A 239 1.33 -1.35 -7.13
CA VAL A 239 2.03 -0.41 -6.21
C VAL A 239 2.01 -1.04 -4.85
N HIS A 240 3.14 -1.13 -4.17
CA HIS A 240 3.27 -1.76 -2.85
C HIS A 240 3.91 -0.74 -1.91
N SER A 241 3.35 -0.49 -0.76
CA SER A 241 3.97 0.40 0.23
C SER A 241 4.11 -0.29 1.56
N GLN A 242 5.12 0.15 2.32
CA GLN A 242 5.34 -0.29 3.70
C GLN A 242 5.99 0.88 4.42
N ALA A 243 5.28 1.51 5.32
CA ALA A 243 5.75 2.75 5.95
C ALA A 243 6.74 2.52 7.07
N ASN A 244 6.90 1.32 7.59
CA ASN A 244 7.69 1.08 8.81
C ASN A 244 8.64 -0.11 8.72
N ARG A 245 8.46 -1.06 7.81
CA ARG A 245 9.18 -2.33 7.93
C ARG A 245 9.38 -2.85 6.51
N ASP A 246 10.47 -3.56 6.27
CA ASP A 246 10.79 -4.09 4.93
C ASP A 246 9.78 -5.14 4.54
N SER A 247 9.62 -5.30 3.24
CA SER A 247 8.79 -6.34 2.60
C SER A 247 9.50 -6.88 1.37
N ARG A 248 9.16 -8.11 0.96
CA ARG A 248 9.75 -8.70 -0.26
C ARG A 248 8.64 -9.28 -1.14
N PRO A 249 7.98 -8.44 -1.93
CA PRO A 249 6.90 -8.93 -2.76
C PRO A 249 7.31 -9.96 -3.82
N HIS A 250 6.36 -10.89 -4.01
CA HIS A 250 6.49 -11.93 -5.02
C HIS A 250 5.12 -12.30 -5.56
N LEU A 251 4.99 -12.39 -6.87
CA LEU A 251 3.75 -12.88 -7.52
C LEU A 251 3.95 -14.34 -7.85
N ILE A 252 3.32 -15.23 -7.10
CA ILE A 252 3.51 -16.69 -7.22
C ILE A 252 2.89 -17.15 -8.54
N GLY A 253 3.70 -17.72 -9.40
CA GLY A 253 3.32 -18.10 -10.77
C GLY A 253 3.58 -17.03 -11.79
N GLY A 254 4.04 -15.84 -11.38
CA GLY A 254 4.43 -14.76 -12.29
C GLY A 254 5.80 -14.18 -11.98
N HIS A 255 6.02 -12.97 -12.42
CA HIS A 255 7.31 -12.26 -12.32
C HIS A 255 6.98 -10.78 -12.18
N GLY A 256 8.01 -9.98 -11.95
CA GLY A 256 7.94 -8.54 -12.15
C GLY A 256 8.59 -8.26 -13.49
N ASP A 257 7.83 -7.90 -14.52
CA ASP A 257 8.42 -7.64 -15.86
C ASP A 257 9.29 -6.38 -15.78
N TYR A 258 8.75 -5.36 -15.15
CA TYR A 258 9.46 -4.09 -14.94
C TYR A 258 9.26 -3.71 -13.49
N VAL A 259 10.29 -3.55 -12.72
CA VAL A 259 10.14 -3.26 -11.27
C VAL A 259 10.99 -2.07 -10.91
N TRP A 260 10.37 -1.10 -10.26
CA TRP A 260 11.04 0.04 -9.61
C TRP A 260 11.01 -0.27 -8.11
N GLU A 261 11.95 -1.08 -7.60
N GLU A 261 12.02 -1.01 -7.65
CA GLU A 261 11.79 -1.51 -6.18
CA GLU A 261 12.08 -1.50 -6.24
C GLU A 261 12.02 -0.32 -5.25
N THR A 262 12.88 0.65 -5.55
CA THR A 262 12.98 1.90 -4.75
C THR A 262 11.91 2.87 -5.16
N GLY A 263 11.10 2.61 -6.19
CA GLY A 263 9.83 3.29 -6.46
C GLY A 263 9.95 4.59 -7.21
N LYS A 264 11.05 4.93 -7.85
CA LYS A 264 11.24 6.31 -8.37
C LYS A 264 11.50 6.25 -9.88
N PHE A 265 10.62 6.92 -10.65
CA PHE A 265 10.53 6.71 -12.10
C PHE A 265 11.62 7.45 -12.86
N SER A 266 12.47 8.23 -12.21
CA SER A 266 13.70 8.76 -12.85
C SER A 266 14.74 7.66 -13.06
N ASN A 267 14.57 6.50 -12.41
CA ASN A 267 15.49 5.35 -12.52
C ASN A 267 14.85 4.33 -13.43
N ALA A 268 15.65 3.72 -14.28
CA ALA A 268 15.13 2.63 -15.11
C ALA A 268 14.69 1.48 -14.23
N PRO A 269 13.60 0.81 -14.60
CA PRO A 269 13.20 -0.38 -13.85
C PRO A 269 14.15 -1.55 -14.11
N GLU A 270 14.18 -2.49 -13.19
CA GLU A 270 14.81 -3.80 -13.39
C GLU A 270 13.82 -4.71 -14.10
N THR A 271 14.34 -5.69 -14.81
CA THR A 271 13.50 -6.59 -15.63
C THR A 271 13.52 -8.01 -15.12
N GLY A 272 12.37 -8.64 -15.21
CA GLY A 272 12.27 -10.10 -15.03
C GLY A 272 12.55 -10.59 -13.62
N LEU A 273 12.15 -9.83 -12.62
CA LEU A 273 12.45 -10.23 -11.23
C LEU A 273 11.56 -11.35 -10.74
N GLU A 274 12.07 -12.17 -9.83
CA GLU A 274 11.24 -13.16 -9.11
C GLU A 274 10.61 -12.51 -7.89
N THR A 275 11.40 -11.80 -7.10
CA THR A 275 11.03 -11.20 -5.81
C THR A 275 11.72 -9.89 -5.76
N TRP A 276 11.06 -8.87 -5.27
CA TRP A 276 11.66 -7.53 -5.12
C TRP A 276 11.60 -7.13 -3.66
N PHE A 277 12.06 -5.93 -3.36
CA PHE A 277 12.29 -5.51 -1.96
C PHE A 277 11.79 -4.09 -1.79
N ILE A 278 10.83 -3.93 -0.88
CA ILE A 278 10.29 -2.61 -0.48
C ILE A 278 10.94 -2.27 0.85
N ARG A 279 11.83 -1.31 0.83
CA ARG A 279 12.47 -0.92 2.11
CA ARG A 279 12.45 -0.80 2.07
C ARG A 279 11.41 -0.21 2.97
N GLY A 280 11.43 -0.53 4.26
CA GLY A 280 10.50 0.15 5.16
C GLY A 280 10.63 1.64 5.05
N GLY A 281 9.50 2.34 5.00
CA GLY A 281 9.46 3.78 4.72
C GLY A 281 9.44 4.11 3.25
N SER A 282 8.96 3.23 2.39
CA SER A 282 8.93 3.51 0.94
C SER A 282 7.79 2.78 0.27
N ALA A 283 7.55 3.22 -0.96
CA ALA A 283 6.70 2.51 -1.91
C ALA A 283 7.55 2.11 -3.10
N GLY A 284 7.20 0.97 -3.71
CA GLY A 284 7.71 0.50 -4.98
C GLY A 284 6.59 0.12 -5.92
N ALA A 285 6.96 -0.24 -7.13
CA ALA A 285 5.93 -0.60 -8.13
C ALA A 285 6.46 -1.62 -9.08
N ALA A 286 5.61 -2.53 -9.50
CA ALA A 286 5.95 -3.59 -10.45
C ALA A 286 4.86 -3.65 -11.53
N LEU A 287 5.28 -3.76 -12.78
N LEU A 287 5.28 -3.90 -12.75
CA LEU A 287 4.39 -4.11 -13.93
CA LEU A 287 4.38 -4.06 -13.92
C LEU A 287 4.52 -5.58 -14.23
C LEU A 287 4.52 -5.49 -14.42
N TYR A 288 3.40 -6.21 -14.53
CA TYR A 288 3.41 -7.59 -15.04
C TYR A 288 2.31 -7.74 -16.09
N LYS A 289 2.68 -8.38 -17.19
CA LYS A 289 1.68 -8.77 -18.23
C LYS A 289 1.32 -10.22 -17.96
N PHE A 290 0.10 -10.50 -17.57
CA PHE A 290 -0.35 -11.87 -17.32
C PHE A 290 -0.32 -12.69 -18.61
N LEU A 291 0.21 -13.89 -18.50
CA LEU A 291 0.41 -14.83 -19.64
C LEU A 291 -0.41 -16.11 -19.43
N GLN A 292 -0.87 -16.41 -18.25
CA GLN A 292 -1.61 -17.63 -17.90
C GLN A 292 -2.80 -17.27 -17.06
N PRO A 293 -3.94 -17.95 -17.23
CA PRO A 293 -5.06 -17.81 -16.34
C PRO A 293 -4.84 -18.54 -15.03
N GLY A 294 -5.76 -18.31 -14.10
CA GLY A 294 -5.84 -19.02 -12.83
C GLY A 294 -5.60 -18.15 -11.65
N ILE A 295 -5.47 -18.80 -10.50
CA ILE A 295 -5.15 -18.14 -9.22
C ILE A 295 -3.64 -17.89 -9.14
N TYR A 296 -3.32 -16.66 -8.74
CA TYR A 296 -1.95 -16.27 -8.36
C TYR A 296 -2.03 -15.82 -6.91
N ALA A 297 -1.04 -16.17 -6.14
CA ALA A 297 -0.87 -15.58 -4.81
C ALA A 297 0.24 -14.52 -4.79
C ALA A 297 0.13 -14.44 -4.98
N TYR A 298 -0.12 -13.35 -4.29
CA TYR A 298 0.82 -12.22 -4.17
C TYR A 298 1.16 -12.15 -2.70
N VAL A 299 2.45 -12.29 -2.37
CA VAL A 299 2.89 -12.43 -0.98
C VAL A 299 4.07 -11.52 -0.70
N THR A 300 4.35 -11.30 0.57
CA THR A 300 5.75 -11.05 0.99
C THR A 300 6.39 -12.41 1.13
N HIS A 301 7.57 -12.58 0.59
CA HIS A 301 8.24 -13.88 0.54
C HIS A 301 9.08 -14.16 1.76
N ASN A 302 8.73 -13.63 2.94
CA ASN A 302 8.88 -14.38 4.20
CA ASN A 302 8.87 -14.36 4.23
C ASN A 302 7.59 -15.18 4.29
N LEU A 303 7.67 -16.45 3.96
CA LEU A 303 6.47 -17.28 3.84
C LEU A 303 5.78 -17.48 5.18
N ILE A 304 6.50 -17.35 6.30
CA ILE A 304 5.86 -17.39 7.60
C ILE A 304 4.90 -16.20 7.71
N GLU A 305 5.38 -15.01 7.34
CA GLU A 305 4.55 -13.78 7.34
CA GLU A 305 4.46 -13.86 7.42
C GLU A 305 3.35 -14.02 6.39
N ALA A 306 3.63 -14.53 5.21
CA ALA A 306 2.58 -14.66 4.19
C ALA A 306 1.50 -15.63 4.63
N ALA A 307 1.84 -16.80 5.10
CA ALA A 307 0.84 -17.84 5.39
C ALA A 307 0.30 -17.75 6.79
N ASN A 308 1.10 -17.33 7.76
CA ASN A 308 0.74 -17.47 9.19
C ASN A 308 0.48 -16.12 9.85
N LEU A 309 0.93 -15.00 9.29
CA LEU A 309 0.66 -13.67 9.92
C LEU A 309 -0.27 -12.79 9.09
N GLY A 310 -0.71 -13.23 7.92
CA GLY A 310 -1.77 -12.53 7.17
C GLY A 310 -1.38 -12.02 5.80
N ALA A 311 -0.17 -12.13 5.30
CA ALA A 311 0.31 -11.32 4.19
C ALA A 311 0.27 -12.07 2.85
N THR A 312 -0.96 -12.42 2.44
CA THR A 312 -1.27 -13.05 1.16
C THR A 312 -2.47 -12.36 0.50
N ALA A 313 -2.35 -12.00 -0.75
CA ALA A 313 -3.46 -11.59 -1.63
C ALA A 313 -3.55 -12.59 -2.75
N HIS A 314 -4.72 -12.60 -3.40
CA HIS A 314 -4.92 -13.44 -4.61
C HIS A 314 -5.29 -12.58 -5.79
N PHE A 315 -4.79 -12.99 -6.95
CA PHE A 315 -5.32 -12.57 -8.27
C PHE A 315 -6.09 -13.76 -8.84
N LYS A 316 -7.25 -13.46 -9.44
CA LYS A 316 -8.01 -14.44 -10.23
C LYS A 316 -7.96 -13.93 -11.67
N VAL A 317 -7.32 -14.68 -12.51
CA VAL A 317 -6.99 -14.27 -13.91
C VAL A 317 -7.78 -15.12 -14.89
N GLU A 318 -8.59 -14.47 -15.70
CA GLU A 318 -9.40 -15.17 -16.73
C GLU A 318 -8.63 -15.25 -18.04
N GLY A 319 -8.77 -16.33 -18.77
CA GLY A 319 -8.20 -16.51 -20.10
C GLY A 319 -7.90 -17.97 -20.40
N LYS A 320 -7.13 -18.18 -21.45
CA LYS A 320 -6.80 -19.53 -21.98
C LYS A 320 -5.41 -19.96 -21.52
N TRP A 321 -5.29 -21.20 -21.06
CA TRP A 321 -4.02 -21.76 -20.62
C TRP A 321 -3.11 -22.01 -21.78
N ASN A 322 -1.84 -21.69 -21.62
CA ASN A 322 -0.78 -21.81 -22.62
C ASN A 322 0.08 -23.00 -22.25
N ASP A 323 -0.14 -24.15 -22.90
CA ASP A 323 0.60 -25.38 -22.60
C ASP A 323 2.03 -25.29 -23.09
N ASP A 324 2.43 -24.36 -23.91
CA ASP A 324 3.84 -24.18 -24.32
C ASP A 324 4.63 -23.65 -23.11
N LEU A 325 4.06 -22.71 -22.36
CA LEU A 325 4.79 -22.14 -21.19
C LEU A 325 4.86 -23.15 -20.07
N MET A 326 3.83 -23.94 -19.83
CA MET A 326 3.81 -24.91 -18.75
C MET A 326 2.76 -25.99 -19.05
N THR A 327 3.09 -27.24 -18.79
CA THR A 327 2.07 -28.29 -18.88
C THR A 327 2.38 -29.43 -17.90
N GLN A 328 1.33 -30.06 -17.46
CA GLN A 328 1.42 -31.30 -16.69
C GLN A 328 1.59 -32.44 -17.67
N VAL A 329 2.80 -32.91 -17.87
CA VAL A 329 3.10 -33.99 -18.84
C VAL A 329 2.43 -35.28 -18.38
N LYS A 330 2.55 -35.63 -17.13
CA LYS A 330 1.89 -36.84 -16.60
C LYS A 330 1.27 -36.45 -15.28
N ALA A 331 -0.02 -36.68 -15.09
CA ALA A 331 -0.70 -36.45 -13.82
C ALA A 331 -0.14 -37.35 -12.73
N PRO A 332 -0.35 -37.02 -11.46
CA PRO A 332 0.06 -37.89 -10.35
C PRO A 332 -0.34 -39.35 -10.59
N ALA A 333 0.60 -40.24 -10.38
CA ALA A 333 0.41 -41.67 -10.64
C ALA A 333 1.30 -42.44 -9.68
N ASP A 334 0.98 -43.69 -9.41
CA ASP A 334 1.83 -44.53 -8.55
C ASP A 334 3.22 -44.66 -9.14
N ILE A 335 4.24 -44.66 -8.27
CA ILE A 335 5.63 -44.79 -8.71
C ILE A 335 5.77 -46.17 -9.36
N PRO A 336 6.31 -46.25 -10.57
CA PRO A 336 6.44 -47.54 -11.26
C PRO A 336 7.23 -48.53 -10.41
N THR A 337 6.75 -49.78 -10.34
CA THR A 337 7.40 -50.92 -9.60
C THR A 337 8.85 -51.09 -10.07
N GLY A 338 9.13 -50.87 -11.35
CA GLY A 338 10.49 -50.98 -11.92
C GLY A 338 11.36 -49.76 -11.64
N SER A 339 10.89 -48.78 -10.83
CA SER A 339 11.68 -47.56 -10.48
C SER A 339 12.68 -47.89 -9.37
N THR A 340 13.79 -47.13 -9.32
CA THR A 340 14.83 -47.17 -8.25
C THR A 340 14.59 -46.04 -7.22
N ASN A 341 15.13 -44.84 -7.46
CA ASN A 341 14.83 -43.57 -6.72
C ASN A 341 15.50 -43.53 -5.34
N GLU A 342 16.84 -43.63 -5.25
CA GLU A 342 17.60 -43.63 -3.96
C GLU A 342 18.67 -42.52 -3.98
S SO4 B . -2.31 -9.92 31.28
O1 SO4 B . -2.52 -9.30 32.56
O2 SO4 B . -3.04 -9.17 30.31
O3 SO4 B . -0.91 -9.88 30.95
O4 SO4 B . -2.77 -11.30 31.34
S SO4 C . -1.59 -38.54 -17.82
O1 SO4 C . -1.19 -38.62 -19.21
O2 SO4 C . -1.59 -37.18 -17.41
O3 SO4 C . -2.91 -39.07 -17.66
O4 SO4 C . -0.65 -39.28 -17.03
S SO4 D . 7.20 3.44 -27.65
O1 SO4 D . 7.37 4.72 -27.01
O2 SO4 D . 6.19 3.54 -28.68
O3 SO4 D . 6.78 2.46 -26.67
O4 SO4 D . 8.45 3.01 -28.23
S SO4 E . -13.96 -6.92 21.24
O1 SO4 E . -15.03 -7.27 20.31
O2 SO4 E . -13.20 -5.82 20.73
O3 SO4 E . -14.56 -6.54 22.51
O4 SO4 E . -13.08 -8.05 21.47
S SO4 F . -2.97 30.88 -2.94
O1 SO4 F . -3.68 31.42 -4.06
O2 SO4 F . -3.06 31.80 -1.83
O3 SO4 F . -1.58 30.72 -3.32
O4 SO4 F . -3.56 29.62 -2.54
CU CU G . -2.08 10.28 13.67
CU CU H . 8.36 8.86 6.79
C1 GOL I . -9.96 -18.40 -1.47
O1 GOL I . -9.08 -17.72 -0.58
C2 GOL I . -9.81 -17.95 -2.91
O2 GOL I . -11.09 -17.86 -3.54
C3 GOL I . -9.06 -16.66 -3.00
O3 GOL I . -9.51 -15.83 -4.06
S SO4 J . 19.01 5.23 -15.15
O1 SO4 J . 19.25 4.66 -16.44
O2 SO4 J . 18.14 6.37 -15.25
O3 SO4 J . 20.29 5.66 -14.61
O4 SO4 J . 18.44 4.26 -14.26
S SO4 K . -4.49 7.50 -20.71
O1 SO4 K . -5.51 8.41 -21.20
O2 SO4 K . -4.52 6.29 -21.52
O3 SO4 K . -4.77 7.16 -19.35
O4 SO4 K . -3.16 8.10 -20.81
S SO4 L . -8.32 0.71 -13.14
O1 SO4 L . -9.42 -0.16 -13.47
O2 SO4 L . -7.96 1.50 -14.29
O3 SO4 L . -8.69 1.63 -12.03
O4 SO4 L . -7.18 -0.05 -12.84
S SO4 M . -13.10 -7.48 -14.38
O1 SO4 M . -14.47 -7.06 -14.63
O2 SO4 M . -12.42 -7.58 -15.64
O3 SO4 M . -12.52 -6.49 -13.48
O4 SO4 M . -13.14 -8.76 -13.75
#